data_3VRR
#
_entry.id   3VRR
#
_cell.length_a   93.240
_cell.length_b   108.683
_cell.length_c   54.677
_cell.angle_alpha   90.000
_cell.angle_beta   90.000
_cell.angle_gamma   90.000
#
_symmetry.space_group_name_H-M   'C 2 2 21'
#
loop_
_entity.id
_entity.type
_entity.pdbx_description
1 polymer 'Signal transduction protein CBL-C'
2 polymer 'Epidermal growth factor receptor'
3 non-polymer 'CALCIUM ION'
4 water water
#
loop_
_entity_poly.entity_id
_entity_poly.type
_entity_poly.pdbx_seq_one_letter_code
_entity_poly.pdbx_strand_id
1 'polypeptide(L)'
;GPLGSPEFMALAVAPWGRQWEEARALGRAVRMLQRLEEQCVDPRLSVSPPSLRDLLPRTAQLLREVAHSRRAAGGGGPGG
PGGSGDFLLIYLANLEAKSRQVAALLPPRGRRSANDELFRAGSRLRRQLAKLAIIFSHMHAELHALFPGGKYCGHMYQLT
KAPAHTFWRESCGARCVLPWAEFESLLGTCHPVEPGCTALALRTTIDLTCSGHVSIFEFDVFTRLFQPWPTLLKNWQLLA
VNHPGYMAFLTYDEVQERLQACRDKPGSYIFRLSCTRLGQWAIGYVSSDGSILQTIPANKPLSQVLLEGQKDGFYLYPDG
KTHNPDLTELG
;
A
2 'polypeptide(L)' EDSFLQR(PTR)SSDPT C
#
loop_
_chem_comp.id
_chem_comp.type
_chem_comp.name
_chem_comp.formula
CA non-polymer 'CALCIUM ION' 'Ca 2'
#
# COMPACT_ATOMS: atom_id res chain seq x y z
N GLU A 21 -16.96 -24.34 -2.99
CA GLU A 21 -15.90 -24.35 -1.96
C GLU A 21 -15.05 -23.08 -2.11
N GLU A 22 -13.84 -23.26 -2.63
CA GLU A 22 -13.04 -22.17 -3.11
C GLU A 22 -13.70 -21.57 -4.35
N ALA A 23 -14.24 -22.43 -5.22
CA ALA A 23 -14.82 -21.99 -6.47
C ALA A 23 -16.07 -21.15 -6.23
N ARG A 24 -16.90 -21.62 -5.30
CA ARG A 24 -18.08 -20.88 -4.84
C ARG A 24 -17.66 -19.50 -4.29
N ALA A 25 -16.65 -19.47 -3.39
CA ALA A 25 -16.07 -18.20 -2.89
C ALA A 25 -15.64 -17.24 -4.03
N LEU A 26 -14.94 -17.76 -5.02
CA LEU A 26 -14.43 -16.97 -6.14
C LEU A 26 -15.57 -16.41 -7.08
N GLY A 27 -16.60 -17.21 -7.28
CA GLY A 27 -17.77 -16.77 -8.04
C GLY A 27 -18.47 -15.62 -7.34
N ARG A 28 -18.67 -15.78 -6.05
CA ARG A 28 -19.31 -14.75 -5.21
C ARG A 28 -18.53 -13.41 -5.24
N ALA A 29 -17.19 -13.48 -5.04
CA ALA A 29 -16.33 -12.29 -5.08
C ALA A 29 -16.36 -11.63 -6.50
N VAL A 30 -16.33 -12.43 -7.58
CA VAL A 30 -16.49 -11.85 -8.93
C VAL A 30 -17.81 -11.06 -9.07
N ARG A 31 -18.92 -11.66 -8.70
CA ARG A 31 -20.20 -11.00 -8.87
C ARG A 31 -20.30 -9.77 -7.99
N MET A 32 -19.73 -9.85 -6.81
CA MET A 32 -19.63 -8.72 -5.91
C MET A 32 -18.84 -7.54 -6.49
N LEU A 33 -17.70 -7.80 -7.15
CA LEU A 33 -16.96 -6.68 -7.78
C LEU A 33 -17.66 -6.13 -9.07
N GLN A 34 -18.35 -7.01 -9.80
CA GLN A 34 -19.22 -6.53 -10.94
C GLN A 34 -20.34 -5.57 -10.46
N ARG A 35 -21.09 -5.95 -9.43
CA ARG A 35 -22.05 -5.05 -8.74
C ARG A 35 -21.38 -3.72 -8.45
N LEU A 36 -20.26 -3.73 -7.70
CA LEU A 36 -19.56 -2.46 -7.40
C LEU A 36 -19.15 -1.71 -8.64
N GLU A 37 -18.69 -2.44 -9.65
CA GLU A 37 -18.27 -1.76 -10.85
C GLU A 37 -19.48 -1.03 -11.55
N GLU A 38 -20.61 -1.70 -11.62
CA GLU A 38 -21.83 -1.05 -12.12
C GLU A 38 -22.31 0.08 -11.24
N GLN A 39 -22.14 -0.06 -9.93
CA GLN A 39 -22.56 1.04 -9.03
C GLN A 39 -21.61 2.24 -9.11
N CYS A 40 -20.42 2.04 -9.66
CA CYS A 40 -19.41 3.12 -9.80
C CYS A 40 -19.43 3.82 -11.17
N VAL A 41 -20.36 3.48 -12.05
CA VAL A 41 -20.36 4.01 -13.42
C VAL A 41 -20.41 5.55 -13.54
N ASP A 42 -20.97 6.21 -12.54
CA ASP A 42 -20.68 7.63 -12.35
C ASP A 42 -19.20 7.87 -12.05
N VAL A 47 -11.31 8.84 -11.29
CA VAL A 47 -10.22 8.74 -12.28
C VAL A 47 -8.90 9.28 -11.69
N SER A 48 -7.79 9.07 -12.40
CA SER A 48 -6.44 9.24 -11.81
C SER A 48 -6.23 8.33 -10.58
N PRO A 49 -5.17 7.50 -10.64
CA PRO A 49 -4.93 6.46 -9.67
C PRO A 49 -4.89 6.99 -8.23
N PRO A 50 -5.45 6.23 -7.28
CA PRO A 50 -6.13 4.96 -7.61
C PRO A 50 -7.59 5.18 -8.04
N SER A 51 -8.06 4.48 -9.08
CA SER A 51 -9.44 4.63 -9.64
C SER A 51 -10.25 3.34 -9.43
N LEU A 52 -11.36 3.40 -8.69
CA LEU A 52 -12.23 2.20 -8.52
C LEU A 52 -12.75 1.72 -9.84
N ARG A 53 -13.08 2.65 -10.74
N ARG A 53 -13.05 2.67 -10.72
CA ARG A 53 -13.64 2.27 -12.05
CA ARG A 53 -13.62 2.34 -12.03
C ARG A 53 -12.64 1.48 -12.90
C ARG A 53 -12.67 1.41 -12.77
N ASP A 54 -11.37 1.58 -12.55
CA ASP A 54 -10.33 0.74 -13.18
C ASP A 54 -10.04 -0.51 -12.39
N LEU A 55 -9.82 -0.36 -11.08
CA LEU A 55 -9.40 -1.48 -10.24
C LEU A 55 -10.42 -2.57 -10.10
N LEU A 56 -11.69 -2.21 -10.00
CA LEU A 56 -12.67 -3.24 -9.75
C LEU A 56 -12.72 -4.27 -10.89
N PRO A 57 -12.83 -3.81 -12.15
CA PRO A 57 -12.87 -4.87 -13.21
C PRO A 57 -11.54 -5.60 -13.35
N ARG A 58 -10.43 -4.91 -13.10
CA ARG A 58 -9.15 -5.63 -13.22
C ARG A 58 -9.04 -6.70 -12.13
N THR A 59 -9.57 -6.40 -10.94
CA THR A 59 -9.51 -7.37 -9.87
C THR A 59 -10.46 -8.53 -10.18
N ALA A 60 -11.64 -8.19 -10.69
CA ALA A 60 -12.59 -9.22 -11.08
C ALA A 60 -12.00 -10.16 -12.14
N GLN A 61 -11.29 -9.58 -13.10
N GLN A 61 -11.31 -9.58 -13.11
CA GLN A 61 -10.75 -10.37 -14.20
CA GLN A 61 -10.75 -10.41 -14.20
C GLN A 61 -9.68 -11.35 -13.67
C GLN A 61 -9.70 -11.38 -13.63
N LEU A 62 -8.83 -10.87 -12.76
CA LEU A 62 -7.82 -11.70 -12.15
C LEU A 62 -8.46 -12.85 -11.34
N LEU A 63 -9.56 -12.57 -10.67
CA LEU A 63 -10.28 -13.57 -9.92
C LEU A 63 -10.89 -14.62 -10.83
N ARG A 64 -11.44 -14.20 -11.97
CA ARG A 64 -11.89 -15.17 -12.99
C ARG A 64 -10.74 -16.09 -13.36
N GLU A 65 -9.54 -15.52 -13.57
CA GLU A 65 -8.33 -16.30 -13.89
C GLU A 65 -7.87 -17.25 -12.77
N VAL A 66 -7.86 -16.76 -11.55
CA VAL A 66 -7.64 -17.67 -10.41
C VAL A 66 -8.63 -18.86 -10.43
N ALA A 67 -9.92 -18.56 -10.62
CA ALA A 67 -10.99 -19.61 -10.65
C ALA A 67 -10.70 -20.69 -11.66
N HIS A 68 -10.34 -20.28 -12.87
CA HIS A 68 -9.99 -21.23 -13.93
C HIS A 68 -8.66 -22.02 -13.73
N SER A 69 -7.63 -21.39 -13.17
CA SER A 69 -6.35 -22.08 -12.96
C SER A 69 -6.40 -23.11 -11.83
N ARG A 70 -7.21 -22.85 -10.82
CA ARG A 70 -7.33 -23.78 -9.70
C ARG A 70 -8.12 -25.03 -10.14
N ARG A 71 -9.05 -24.87 -11.08
CA ARG A 71 -9.67 -26.00 -11.76
C ARG A 71 -8.61 -26.49 -12.78
N ALA A 72 -7.61 -27.24 -12.28
CA ALA A 72 -6.40 -27.53 -13.05
C ALA A 72 -6.45 -28.89 -13.73
N GLY A 76 -0.69 -24.86 -7.30
CA GLY A 76 -1.15 -25.06 -5.93
C GLY A 76 -0.12 -24.63 -4.90
N GLY A 77 1.16 -24.92 -5.17
CA GLY A 77 2.23 -24.71 -4.20
C GLY A 77 2.03 -25.65 -3.03
N PRO A 78 2.89 -25.57 -1.99
CA PRO A 78 2.68 -26.42 -0.80
C PRO A 78 1.46 -25.98 0.04
N GLY A 79 0.61 -26.92 0.41
CA GLY A 79 -0.64 -26.59 1.11
C GLY A 79 -0.43 -26.27 2.58
N GLY A 80 -1.51 -26.39 3.34
CA GLY A 80 -1.48 -26.10 4.77
C GLY A 80 -1.45 -24.61 5.04
N PRO A 81 -1.09 -24.23 6.29
CA PRO A 81 -1.32 -22.85 6.66
C PRO A 81 -0.47 -21.91 5.79
N GLY A 82 -1.09 -20.87 5.25
CA GLY A 82 -0.40 -19.78 4.58
C GLY A 82 -0.02 -20.04 3.15
N GLY A 83 -0.46 -21.17 2.62
CA GLY A 83 -0.36 -21.43 1.20
C GLY A 83 -1.44 -20.69 0.38
N SER A 84 -1.60 -21.13 -0.86
CA SER A 84 -2.47 -20.45 -1.83
C SER A 84 -3.94 -20.43 -1.37
N GLY A 85 -4.40 -21.57 -0.85
CA GLY A 85 -5.82 -21.70 -0.47
C GLY A 85 -6.12 -20.80 0.70
N ASP A 86 -5.23 -20.81 1.70
CA ASP A 86 -5.33 -19.94 2.86
C ASP A 86 -5.34 -18.46 2.48
N PHE A 87 -4.40 -18.07 1.63
CA PHE A 87 -4.36 -16.70 1.12
C PHE A 87 -5.75 -16.30 0.50
N LEU A 88 -6.26 -17.13 -0.37
CA LEU A 88 -7.55 -16.78 -1.02
C LEU A 88 -8.71 -16.64 -0.04
N LEU A 89 -8.75 -17.54 0.96
CA LEU A 89 -9.79 -17.48 1.98
C LEU A 89 -9.70 -16.13 2.69
N ILE A 90 -8.50 -15.79 3.18
CA ILE A 90 -8.30 -14.49 3.83
C ILE A 90 -8.56 -13.33 2.87
N TYR A 91 -8.05 -13.42 1.64
CA TYR A 91 -8.19 -12.30 0.70
C TYR A 91 -9.67 -12.03 0.35
N LEU A 92 -10.41 -13.10 0.02
CA LEU A 92 -11.82 -12.96 -0.28
C LEU A 92 -12.68 -12.45 0.84
N ALA A 93 -12.40 -12.87 2.07
CA ALA A 93 -13.18 -12.37 3.22
C ALA A 93 -12.91 -10.88 3.46
N ASN A 94 -11.65 -10.48 3.32
CA ASN A 94 -11.36 -9.08 3.31
C ASN A 94 -11.98 -8.28 2.11
N LEU A 95 -11.85 -8.81 0.89
CA LEU A 95 -12.41 -8.09 -0.28
C LEU A 95 -13.91 -7.83 -0.07
N GLU A 96 -14.62 -8.82 0.47
CA GLU A 96 -16.07 -8.67 0.77
C GLU A 96 -16.34 -7.58 1.77
N ALA A 97 -15.60 -7.54 2.90
CA ALA A 97 -15.74 -6.48 3.89
C ALA A 97 -15.50 -5.08 3.26
N LYS A 98 -14.46 -4.96 2.43
CA LYS A 98 -14.15 -3.68 1.83
C LYS A 98 -15.22 -3.30 0.77
N SER A 99 -15.72 -4.29 0.02
CA SER A 99 -16.74 -4.04 -1.03
C SER A 99 -18.06 -3.53 -0.39
N ARG A 100 -18.48 -4.15 0.72
CA ARG A 100 -19.63 -3.65 1.53
C ARG A 100 -19.40 -2.20 2.00
N GLN A 101 -18.18 -1.84 2.43
CA GLN A 101 -17.93 -0.44 2.79
C GLN A 101 -18.19 0.47 1.58
N VAL A 102 -17.67 0.08 0.39
CA VAL A 102 -17.84 0.94 -0.78
C VAL A 102 -19.36 1.03 -1.16
N ALA A 103 -20.01 -0.13 -1.30
CA ALA A 103 -21.42 -0.21 -1.64
C ALA A 103 -22.25 0.73 -0.78
N ALA A 104 -21.88 0.82 0.49
CA ALA A 104 -22.67 1.62 1.44
C ALA A 104 -22.57 3.13 1.16
N LEU A 105 -21.59 3.55 0.36
CA LEU A 105 -21.42 4.98 0.06
C LEU A 105 -22.02 5.40 -1.28
N LEU A 106 -22.56 4.45 -2.04
CA LEU A 106 -23.00 4.72 -3.40
C LEU A 106 -24.50 4.66 -3.58
N PRO A 107 -25.10 5.72 -4.17
CA PRO A 107 -26.55 5.72 -4.48
C PRO A 107 -26.88 4.75 -5.63
N PRO A 108 -28.16 4.32 -5.76
CA PRO A 108 -28.57 3.68 -7.04
C PRO A 108 -28.34 4.63 -8.25
N ARG A 109 -28.08 4.07 -9.44
CA ARG A 109 -27.75 4.90 -10.60
C ARG A 109 -29.01 5.51 -11.21
N GLU A 117 -21.60 16.80 -4.79
CA GLU A 117 -21.37 16.57 -3.35
C GLU A 117 -19.95 16.08 -3.05
N LEU A 118 -19.46 15.14 -3.86
CA LEU A 118 -18.05 14.75 -3.83
C LEU A 118 -17.18 16.00 -3.91
N PHE A 119 -17.78 17.07 -4.41
CA PHE A 119 -17.10 18.34 -4.64
C PHE A 119 -17.29 19.37 -3.51
N ARG A 120 -17.97 19.01 -2.42
CA ARG A 120 -17.96 19.89 -1.25
C ARG A 120 -16.62 19.78 -0.52
N ALA A 121 -16.15 20.89 0.05
CA ALA A 121 -14.95 20.87 0.88
C ALA A 121 -15.16 19.96 2.10
N GLY A 122 -14.15 19.15 2.45
CA GLY A 122 -14.26 18.24 3.60
C GLY A 122 -15.32 17.13 3.43
N SER A 123 -15.69 16.87 2.18
CA SER A 123 -16.71 15.80 1.89
C SER A 123 -16.28 14.45 2.45
N ARG A 124 -17.02 13.95 3.42
CA ARG A 124 -16.67 12.68 3.99
C ARG A 124 -16.73 11.53 2.97
N LEU A 125 -17.72 11.59 2.09
CA LEU A 125 -17.89 10.63 1.00
C LEU A 125 -16.64 10.53 0.10
N ARG A 126 -16.10 11.69 -0.29
CA ARG A 126 -14.88 11.77 -1.11
C ARG A 126 -13.68 11.13 -0.40
N ARG A 127 -13.47 11.45 0.86
CA ARG A 127 -12.36 10.84 1.62
C ARG A 127 -12.50 9.33 1.87
N GLN A 128 -13.70 8.89 2.20
CA GLN A 128 -13.90 7.46 2.40
C GLN A 128 -13.69 6.69 1.10
N LEU A 129 -14.17 7.23 -0.02
CA LEU A 129 -13.99 6.60 -1.32
C LEU A 129 -12.52 6.60 -1.75
N ALA A 130 -11.82 7.71 -1.47
CA ALA A 130 -10.40 7.82 -1.77
C ALA A 130 -9.59 6.77 -0.97
N LYS A 131 -9.90 6.64 0.31
CA LYS A 131 -9.20 5.68 1.16
C LYS A 131 -9.49 4.23 0.74
N LEU A 132 -10.76 3.93 0.51
CA LEU A 132 -11.13 2.63 -0.06
C LEU A 132 -10.45 2.35 -1.44
N ALA A 133 -10.34 3.37 -2.29
CA ALA A 133 -9.70 3.15 -3.61
C ALA A 133 -8.23 2.80 -3.42
N ILE A 134 -7.59 3.45 -2.45
CA ILE A 134 -6.21 3.09 -2.03
C ILE A 134 -6.14 1.59 -1.64
N ILE A 135 -7.06 1.16 -0.79
CA ILE A 135 -7.05 -0.20 -0.31
C ILE A 135 -7.30 -1.18 -1.46
N PHE A 136 -8.26 -0.87 -2.37
CA PHE A 136 -8.44 -1.73 -3.55
C PHE A 136 -7.21 -1.74 -4.45
N SER A 137 -6.49 -0.62 -4.50
CA SER A 137 -5.28 -0.54 -5.31
C SER A 137 -4.24 -1.48 -4.80
N HIS A 138 -4.04 -1.47 -3.47
CA HIS A 138 -3.18 -2.47 -2.80
C HIS A 138 -3.64 -3.92 -2.93
N MET A 139 -4.92 -4.20 -2.76
CA MET A 139 -5.41 -5.58 -2.93
C MET A 139 -5.30 -6.07 -4.38
N HIS A 140 -5.49 -5.17 -5.31
CA HIS A 140 -5.28 -5.52 -6.73
C HIS A 140 -3.78 -5.87 -6.97
N ALA A 141 -2.90 -4.99 -6.50
CA ALA A 141 -1.46 -5.21 -6.69
C ALA A 141 -0.98 -6.51 -6.01
N GLU A 142 -1.46 -6.76 -4.80
CA GLU A 142 -1.08 -7.98 -4.08
C GLU A 142 -1.54 -9.26 -4.82
N LEU A 143 -2.79 -9.25 -5.29
CA LEU A 143 -3.31 -10.39 -6.01
C LEU A 143 -2.53 -10.61 -7.32
N HIS A 144 -2.21 -9.52 -8.00
CA HIS A 144 -1.47 -9.59 -9.25
C HIS A 144 -0.02 -10.10 -9.02
N ALA A 145 0.62 -9.66 -7.94
CA ALA A 145 1.97 -10.14 -7.51
C ALA A 145 2.01 -11.65 -7.21
N LEU A 146 0.95 -12.18 -6.61
CA LEU A 146 0.93 -13.54 -6.16
C LEU A 146 0.15 -14.53 -6.98
N PHE A 147 -0.78 -14.04 -7.83
CA PHE A 147 -1.44 -14.90 -8.78
C PHE A 147 -1.47 -14.24 -10.19
N PRO A 148 -0.32 -13.86 -10.73
CA PRO A 148 -0.32 -13.26 -12.08
C PRO A 148 -0.94 -14.22 -13.14
N GLY A 149 -1.83 -13.74 -14.00
CA GLY A 149 -2.55 -14.64 -14.93
C GLY A 149 -3.37 -15.73 -14.26
N GLY A 150 -3.66 -15.57 -12.96
CA GLY A 150 -4.40 -16.58 -12.19
C GLY A 150 -3.54 -17.60 -11.49
N LYS A 151 -2.24 -17.59 -11.74
CA LYS A 151 -1.39 -18.72 -11.42
C LYS A 151 -0.50 -18.40 -10.20
N TYR A 152 -0.76 -19.09 -9.09
CA TYR A 152 -0.06 -18.86 -7.81
C TYR A 152 1.45 -18.94 -7.92
N CYS A 153 2.15 -17.94 -7.41
CA CYS A 153 3.59 -18.01 -7.39
C CYS A 153 4.13 -17.64 -6.00
N GLY A 154 3.26 -17.65 -4.97
CA GLY A 154 3.68 -17.23 -3.61
C GLY A 154 4.81 -18.09 -3.01
N HIS A 155 4.89 -19.35 -3.46
CA HIS A 155 5.97 -20.25 -3.01
C HIS A 155 7.30 -19.97 -3.69
N MET A 156 7.27 -19.23 -4.78
CA MET A 156 8.50 -18.94 -5.53
C MET A 156 8.87 -17.46 -5.42
N TYR A 157 7.90 -16.64 -4.98
CA TYR A 157 8.06 -15.18 -4.89
C TYR A 157 9.41 -14.84 -4.21
N GLN A 158 10.10 -13.82 -4.71
CA GLN A 158 11.41 -13.37 -4.16
C GLN A 158 11.33 -11.90 -3.76
N LEU A 159 11.74 -11.57 -2.53
CA LEU A 159 11.67 -10.17 -2.13
C LEU A 159 12.75 -9.33 -2.79
N THR A 160 12.51 -8.01 -2.81
CA THR A 160 13.38 -7.08 -3.49
C THR A 160 14.71 -6.97 -2.77
N LYS A 161 14.67 -6.91 -1.43
CA LYS A 161 15.94 -6.80 -0.68
C LYS A 161 16.34 -8.18 -0.19
N ALA A 162 17.61 -8.54 -0.43
CA ALA A 162 18.12 -9.82 0.02
C ALA A 162 17.99 -10.22 1.51
N PRO A 163 18.39 -9.37 2.47
CA PRO A 163 18.23 -9.90 3.84
C PRO A 163 16.74 -10.14 4.19
N ALA A 164 15.86 -9.31 3.62
CA ALA A 164 14.42 -9.44 3.86
C ALA A 164 13.92 -10.72 3.23
N HIS A 165 14.42 -11.01 2.04
CA HIS A 165 14.16 -12.30 1.45
C HIS A 165 14.54 -13.46 2.31
N THR A 166 15.81 -13.43 2.77
CA THR A 166 16.28 -14.51 3.59
C THR A 166 15.44 -14.57 4.90
N PHE A 167 15.20 -13.44 5.58
CA PHE A 167 14.34 -13.47 6.79
C PHE A 167 13.03 -14.21 6.52
N TRP A 168 12.33 -13.83 5.44
CA TRP A 168 11.01 -14.45 5.23
C TRP A 168 11.10 -15.96 5.04
N ARG A 169 12.00 -16.40 4.18
CA ARG A 169 12.04 -17.82 3.83
C ARG A 169 12.59 -18.65 4.96
N GLU A 170 13.50 -18.10 5.75
CA GLU A 170 14.01 -18.87 6.89
C GLU A 170 13.02 -18.91 8.07
N SER A 171 12.10 -17.95 8.13
CA SER A 171 11.10 -17.86 9.23
C SER A 171 9.76 -18.49 8.90
N CYS A 172 9.34 -18.35 7.63
CA CYS A 172 7.97 -18.73 7.19
C CYS A 172 7.98 -19.83 6.12
N GLY A 173 9.17 -20.22 5.65
CA GLY A 173 9.26 -21.25 4.59
C GLY A 173 8.53 -20.78 3.33
N ALA A 174 7.82 -21.71 2.68
CA ALA A 174 7.15 -21.42 1.41
C ALA A 174 5.86 -20.62 1.64
N ARG A 175 5.43 -20.37 2.89
CA ARG A 175 4.20 -19.56 3.08
C ARG A 175 4.20 -18.17 2.42
N CYS A 176 3.03 -17.67 2.03
CA CYS A 176 2.96 -16.37 1.42
C CYS A 176 2.17 -15.40 2.28
N VAL A 177 1.65 -15.84 3.43
CA VAL A 177 0.81 -15.00 4.29
C VAL A 177 0.76 -15.51 5.75
N LEU A 178 0.62 -14.58 6.66
CA LEU A 178 0.62 -14.85 8.10
C LEU A 178 -0.37 -13.93 8.72
N PRO A 179 -1.08 -14.40 9.75
CA PRO A 179 -1.86 -13.45 10.54
C PRO A 179 -0.93 -12.48 11.30
N TRP A 180 -1.36 -11.23 11.50
CA TRP A 180 -0.51 -10.24 12.18
C TRP A 180 0.19 -10.78 13.41
N ALA A 181 -0.58 -11.40 14.33
CA ALA A 181 0.10 -11.84 15.60
C ALA A 181 1.31 -12.79 15.39
N GLU A 182 1.17 -13.74 14.47
CA GLU A 182 2.29 -14.63 14.16
C GLU A 182 3.41 -13.89 13.47
N PHE A 183 3.07 -12.96 12.57
CA PHE A 183 4.08 -12.14 11.91
C PHE A 183 4.85 -11.29 12.92
N GLU A 184 4.13 -10.65 13.82
CA GLU A 184 4.74 -9.82 14.87
C GLU A 184 5.76 -10.67 15.64
N SER A 185 5.34 -11.88 15.98
CA SER A 185 6.15 -12.77 16.79
C SER A 185 7.37 -13.17 15.96
N LEU A 186 7.15 -13.56 14.71
CA LEU A 186 8.29 -13.95 13.85
C LEU A 186 9.28 -12.83 13.56
N LEU A 187 8.76 -11.64 13.22
CA LEU A 187 9.58 -10.47 12.96
C LEU A 187 10.46 -10.15 14.18
N GLY A 188 9.85 -10.29 15.36
CA GLY A 188 10.58 -10.09 16.63
C GLY A 188 11.78 -10.96 16.88
N THR A 189 11.94 -12.09 16.18
CA THR A 189 13.27 -12.81 16.27
C THR A 189 14.48 -11.97 15.86
N CYS A 190 14.23 -10.88 15.09
CA CYS A 190 15.24 -9.99 14.53
C CYS A 190 14.97 -8.55 14.78
N HIS A 191 13.71 -8.13 14.65
CA HIS A 191 13.30 -6.74 14.80
C HIS A 191 12.04 -6.65 15.67
N PRO A 192 12.26 -6.71 16.99
CA PRO A 192 11.12 -6.74 17.91
C PRO A 192 10.54 -5.34 18.03
N VAL A 193 9.25 -5.31 18.19
CA VAL A 193 8.53 -4.06 18.25
C VAL A 193 7.85 -4.04 19.61
N GLU A 194 7.85 -2.89 20.23
CA GLU A 194 7.29 -2.77 21.57
C GLU A 194 5.76 -3.03 21.49
N PRO A 195 5.24 -3.95 22.34
CA PRO A 195 3.79 -4.26 22.21
C PRO A 195 2.94 -3.04 22.55
N GLY A 196 1.71 -3.04 22.05
CA GLY A 196 0.79 -1.92 22.35
C GLY A 196 0.78 -0.94 21.20
N CYS A 197 0.70 0.35 21.53
CA CYS A 197 0.62 1.43 20.55
C CYS A 197 1.65 1.34 19.38
N THR A 198 2.90 1.02 19.69
CA THR A 198 3.94 1.03 18.65
C THR A 198 3.68 -0.12 17.67
N ALA A 199 3.39 -1.29 18.22
CA ALA A 199 3.16 -2.47 17.37
C ALA A 199 1.94 -2.25 16.51
N LEU A 200 0.93 -1.61 17.08
CA LEU A 200 -0.27 -1.32 16.27
C LEU A 200 0.04 -0.27 15.21
N ALA A 201 0.86 0.73 15.55
CA ALA A 201 1.28 1.68 14.50
C ALA A 201 2.06 0.95 13.38
N LEU A 202 2.92 0.01 13.77
CA LEU A 202 3.62 -0.80 12.77
C LEU A 202 2.63 -1.63 11.92
N ARG A 203 1.60 -2.18 12.56
CA ARG A 203 0.70 -3.05 11.87
C ARG A 203 -0.06 -2.28 10.77
N THR A 204 -0.45 -1.03 11.09
CA THR A 204 -1.10 -0.09 10.22
C THR A 204 -0.24 0.30 9.03
N THR A 205 1.05 0.43 9.26
CA THR A 205 1.97 0.73 8.18
C THR A 205 2.15 -0.43 7.21
N ILE A 206 2.21 -1.67 7.71
CA ILE A 206 2.61 -2.84 6.92
C ILE A 206 1.38 -3.46 6.22
N ASP A 207 0.24 -3.39 6.92
CA ASP A 207 -0.98 -4.02 6.42
C ASP A 207 -1.68 -3.12 5.40
N LEU A 208 -1.11 -3.07 4.19
CA LEU A 208 -1.64 -2.25 3.12
C LEU A 208 -3.10 -2.59 2.72
N THR A 209 -3.45 -3.87 2.79
CA THR A 209 -4.80 -4.28 2.41
C THR A 209 -5.82 -4.21 3.57
N CYS A 210 -5.31 -3.85 4.76
CA CYS A 210 -6.06 -3.71 5.98
C CYS A 210 -6.84 -4.98 6.28
N SER A 211 -6.23 -6.11 6.00
CA SER A 211 -6.86 -7.44 6.14
C SER A 211 -6.55 -8.15 7.45
N GLY A 212 -5.67 -7.57 8.27
CA GLY A 212 -5.19 -8.19 9.52
C GLY A 212 -4.10 -9.22 9.32
N HIS A 213 -3.67 -9.42 8.07
CA HIS A 213 -2.70 -10.46 7.72
C HIS A 213 -1.59 -9.81 6.92
N VAL A 214 -0.38 -10.36 7.02
CA VAL A 214 0.75 -9.81 6.28
C VAL A 214 1.13 -10.81 5.20
N SER A 215 0.96 -10.41 3.91
CA SER A 215 1.51 -11.25 2.85
C SER A 215 3.02 -11.06 2.61
N ILE A 216 3.63 -11.97 1.85
CA ILE A 216 5.04 -11.84 1.45
C ILE A 216 5.26 -10.56 0.64
N PHE A 217 4.24 -10.19 -0.14
CA PHE A 217 4.19 -9.00 -0.94
C PHE A 217 4.21 -7.74 -0.11
N GLU A 218 3.31 -7.66 0.87
CA GLU A 218 3.30 -6.56 1.83
C GLU A 218 4.64 -6.43 2.52
N PHE A 219 5.20 -7.57 2.91
CA PHE A 219 6.50 -7.50 3.64
C PHE A 219 7.61 -6.99 2.71
N ASP A 220 7.50 -7.36 1.44
CA ASP A 220 8.39 -6.88 0.38
C ASP A 220 8.29 -5.34 0.32
N VAL A 221 7.08 -4.86 0.27
CA VAL A 221 6.87 -3.44 0.13
C VAL A 221 7.44 -2.71 1.35
N PHE A 222 7.17 -3.23 2.53
CA PHE A 222 7.63 -2.55 3.78
C PHE A 222 9.18 -2.47 3.86
N THR A 223 9.82 -3.59 3.59
CA THR A 223 11.30 -3.68 3.73
C THR A 223 12.04 -2.86 2.64
N ARG A 224 11.41 -2.69 1.46
CA ARG A 224 11.92 -1.72 0.51
C ARG A 224 11.79 -0.30 0.96
N LEU A 225 10.61 0.06 1.48
CA LEU A 225 10.41 1.43 1.96
C LEU A 225 11.30 1.83 3.13
N PHE A 226 11.51 0.88 4.04
CA PHE A 226 12.23 1.19 5.27
C PHE A 226 13.60 0.54 5.41
N GLN A 227 14.24 0.28 4.26
CA GLN A 227 15.62 -0.19 4.17
C GLN A 227 16.52 0.90 4.79
N PRO A 228 17.71 0.55 5.32
CA PRO A 228 18.27 -0.80 5.26
C PRO A 228 17.87 -1.72 6.40
N TRP A 229 17.89 -3.00 6.09
CA TRP A 229 17.45 -4.06 6.93
C TRP A 229 18.05 -4.05 8.36
N PRO A 230 19.39 -3.83 8.51
CA PRO A 230 19.95 -3.98 9.88
C PRO A 230 19.32 -3.02 10.92
N THR A 231 18.69 -1.94 10.45
CA THR A 231 18.03 -0.92 11.33
C THR A 231 16.56 -0.70 10.95
N LEU A 232 15.97 -1.70 10.30
CA LEU A 232 14.59 -1.66 9.87
C LEU A 232 13.66 -0.85 10.78
N LEU A 233 13.45 -1.28 12.01
CA LEU A 233 12.38 -0.60 12.78
C LEU A 233 12.77 0.78 13.31
N LYS A 234 14.09 1.02 13.46
CA LYS A 234 14.55 2.34 13.78
C LYS A 234 14.37 3.30 12.63
N ASN A 235 14.59 2.81 11.39
CA ASN A 235 14.27 3.58 10.16
C ASN A 235 12.80 3.94 10.13
N TRP A 236 11.97 2.92 10.39
CA TRP A 236 10.52 3.14 10.48
C TRP A 236 10.14 4.15 11.57
N GLN A 237 10.72 4.00 12.75
CA GLN A 237 10.45 4.97 13.84
C GLN A 237 10.79 6.38 13.47
N LEU A 238 11.97 6.56 12.91
CA LEU A 238 12.48 7.86 12.50
C LEU A 238 11.69 8.43 11.35
N LEU A 239 11.44 7.62 10.34
CA LEU A 239 10.87 8.11 9.09
C LEU A 239 9.35 8.16 9.10
N ALA A 240 8.72 7.36 9.94
CA ALA A 240 7.28 7.33 9.91
C ALA A 240 6.69 7.78 11.23
N VAL A 241 7.12 7.18 12.33
CA VAL A 241 6.45 7.51 13.60
C VAL A 241 6.81 8.93 14.07
N ASN A 242 8.09 9.27 14.00
CA ASN A 242 8.54 10.55 14.55
C ASN A 242 8.73 11.65 13.54
N HIS A 243 8.36 11.41 12.28
CA HIS A 243 8.65 12.34 11.21
C HIS A 243 7.36 13.06 10.78
N PRO A 244 7.31 14.40 10.93
CA PRO A 244 6.12 15.17 10.51
C PRO A 244 5.78 15.08 9.02
N GLY A 245 6.75 14.75 8.14
CA GLY A 245 6.49 14.67 6.69
C GLY A 245 5.76 13.40 6.22
N TYR A 246 5.69 12.38 7.07
CA TYR A 246 5.12 11.08 6.69
C TYR A 246 3.58 11.15 6.68
N MET A 247 2.97 10.67 5.60
CA MET A 247 1.49 10.66 5.42
C MET A 247 1.13 9.20 5.06
N ALA A 248 0.13 8.63 5.71
CA ALA A 248 -0.25 7.23 5.38
C ALA A 248 -1.62 7.27 4.65
N PHE A 249 -1.85 6.42 3.69
CA PHE A 249 -3.17 6.30 3.05
C PHE A 249 -3.66 7.65 2.50
N LEU A 250 -2.78 8.35 1.80
CA LEU A 250 -3.13 9.53 0.98
C LEU A 250 -2.85 9.22 -0.48
N THR A 251 -3.74 9.69 -1.36
CA THR A 251 -3.53 9.58 -2.76
C THR A 251 -2.69 10.77 -3.27
N TYR A 252 -2.21 10.62 -4.49
CA TYR A 252 -1.60 11.71 -5.25
C TYR A 252 -2.43 13.01 -5.15
N ASP A 253 -3.73 12.97 -5.40
CA ASP A 253 -4.54 14.20 -5.43
C ASP A 253 -4.70 14.75 -4.01
N GLU A 254 -4.74 13.85 -3.03
CA GLU A 254 -4.82 14.31 -1.63
C GLU A 254 -3.53 15.00 -1.18
N VAL A 255 -2.40 14.54 -1.71
CA VAL A 255 -1.13 15.23 -1.43
C VAL A 255 -1.07 16.65 -2.06
N GLN A 256 -1.57 16.76 -3.30
CA GLN A 256 -1.58 18.04 -4.02
C GLN A 256 -2.45 19.02 -3.24
N GLU A 257 -3.57 18.50 -2.74
CA GLU A 257 -4.51 19.29 -1.98
C GLU A 257 -3.92 19.70 -0.61
N ARG A 258 -3.28 18.77 0.12
CA ARG A 258 -2.75 19.14 1.41
C ARG A 258 -1.65 20.21 1.30
N LEU A 259 -0.79 20.07 0.30
CA LEU A 259 0.30 21.01 0.14
C LEU A 259 -0.13 22.40 -0.33
N GLN A 260 -1.41 22.58 -0.68
CA GLN A 260 -1.97 23.90 -1.03
C GLN A 260 -1.66 24.92 0.06
N ALA A 261 -1.74 24.46 1.31
CA ALA A 261 -1.49 25.28 2.52
C ALA A 261 -0.06 25.81 2.63
N CYS A 262 0.85 25.25 1.82
CA CYS A 262 2.29 25.52 1.92
C CYS A 262 2.89 26.19 0.69
N ARG A 263 2.05 26.64 -0.24
CA ARG A 263 2.57 27.21 -1.50
C ARG A 263 3.52 28.37 -1.30
N ASP A 264 3.29 29.13 -0.24
CA ASP A 264 4.16 30.26 0.08
C ASP A 264 5.40 29.85 0.85
N LYS A 265 5.58 28.55 1.04
CA LYS A 265 6.72 28.02 1.79
C LYS A 265 7.55 27.02 0.95
N PRO A 266 8.23 27.51 -0.12
CA PRO A 266 9.13 26.64 -0.90
C PRO A 266 10.02 25.76 -0.03
N GLY A 267 10.11 24.48 -0.39
CA GLY A 267 10.85 23.54 0.42
C GLY A 267 9.97 22.80 1.43
N SER A 268 8.66 23.09 1.48
CA SER A 268 7.75 22.28 2.27
C SER A 268 7.62 20.92 1.56
N TYR A 269 7.58 19.82 2.31
CA TYR A 269 7.42 18.52 1.68
C TYR A 269 6.72 17.50 2.58
N ILE A 270 6.16 16.47 1.94
CA ILE A 270 5.61 15.32 2.63
C ILE A 270 5.93 14.12 1.76
N PHE A 271 5.77 12.93 2.33
CA PHE A 271 6.07 11.70 1.61
C PHE A 271 5.14 10.59 2.04
N ARG A 272 4.88 9.69 1.10
CA ARG A 272 3.91 8.65 1.32
C ARG A 272 4.17 7.53 0.32
N LEU A 273 3.49 6.42 0.52
CA LEU A 273 3.65 5.33 -0.42
C LEU A 273 3.06 5.66 -1.78
N SER A 274 3.83 5.49 -2.84
CA SER A 274 3.30 5.50 -4.20
C SER A 274 2.26 4.40 -4.36
N CYS A 275 1.12 4.72 -5.00
CA CYS A 275 0.12 3.72 -5.35
C CYS A 275 0.45 2.95 -6.65
N THR A 276 1.01 3.61 -7.67
CA THR A 276 1.28 2.96 -8.96
C THR A 276 2.67 2.26 -8.95
N ARG A 277 3.57 2.71 -8.08
CA ARG A 277 4.88 2.06 -7.93
C ARG A 277 5.03 1.53 -6.50
N LEU A 278 4.29 0.47 -6.19
CA LEU A 278 4.28 0.00 -4.81
C LEU A 278 5.66 -0.43 -4.38
N GLY A 279 6.04 -0.06 -3.17
CA GLY A 279 7.42 -0.28 -2.73
C GLY A 279 8.35 0.93 -2.86
N GLN A 280 7.84 1.99 -3.48
CA GLN A 280 8.62 3.22 -3.63
C GLN A 280 7.91 4.41 -3.00
N TRP A 281 8.69 5.36 -2.53
CA TRP A 281 8.17 6.59 -1.95
C TRP A 281 7.77 7.57 -3.05
N ALA A 282 6.65 8.30 -2.84
CA ALA A 282 6.32 9.52 -3.60
C ALA A 282 6.53 10.72 -2.68
N ILE A 283 7.48 11.56 -3.02
CA ILE A 283 7.69 12.83 -2.27
C ILE A 283 6.97 13.98 -2.95
N GLY A 284 6.09 14.63 -2.21
CA GLY A 284 5.41 15.83 -2.72
C GLY A 284 6.14 17.01 -2.10
N TYR A 285 6.45 18.04 -2.89
CA TYR A 285 7.17 19.21 -2.33
C TYR A 285 6.75 20.50 -3.03
N VAL A 286 7.02 21.63 -2.38
CA VAL A 286 6.72 22.90 -2.99
C VAL A 286 8.00 23.36 -3.65
N SER A 287 7.98 23.51 -4.97
CA SER A 287 9.18 23.97 -5.68
C SER A 287 9.46 25.47 -5.49
N SER A 288 10.54 25.90 -6.12
CA SER A 288 11.04 27.28 -6.01
C SER A 288 9.97 28.30 -6.40
N ASP A 289 9.23 27.98 -7.45
CA ASP A 289 8.15 28.83 -7.97
C ASP A 289 6.76 28.67 -7.31
N GLY A 290 6.66 27.92 -6.21
CA GLY A 290 5.38 27.70 -5.52
C GLY A 290 4.50 26.62 -6.14
N SER A 291 5.03 25.95 -7.16
CA SER A 291 4.38 24.77 -7.74
C SER A 291 4.46 23.57 -6.80
N ILE A 292 3.40 22.73 -6.84
CA ILE A 292 3.42 21.50 -6.07
C ILE A 292 3.76 20.34 -6.99
N LEU A 293 4.96 19.78 -6.78
CA LEU A 293 5.48 18.67 -7.54
C LEU A 293 5.55 17.38 -6.70
N GLN A 294 5.50 16.24 -7.40
CA GLN A 294 5.64 14.94 -6.76
C GLN A 294 6.66 14.14 -7.54
N THR A 295 7.60 13.54 -6.83
CA THR A 295 8.69 12.80 -7.44
C THR A 295 8.87 11.44 -6.77
N ILE A 296 9.35 10.46 -7.54
CA ILE A 296 9.68 9.17 -6.99
C ILE A 296 11.20 9.00 -6.99
N PRO A 297 11.81 8.91 -5.82
CA PRO A 297 13.25 8.74 -5.84
C PRO A 297 13.66 7.24 -5.87
N ALA A 298 13.57 6.63 -7.05
CA ALA A 298 14.02 5.22 -7.25
C ALA A 298 15.55 5.01 -7.10
N ASN A 299 16.05 4.39 -6.02
CA ASN A 299 15.26 3.78 -4.94
C ASN A 299 16.12 3.52 -3.67
N LYS A 300 16.87 4.52 -3.22
CA LYS A 300 17.81 4.32 -2.10
C LYS A 300 17.11 4.51 -0.75
N PRO A 301 17.80 4.28 0.41
CA PRO A 301 17.09 4.51 1.68
C PRO A 301 16.51 5.91 1.70
N LEU A 302 15.33 6.06 2.29
CA LEU A 302 14.68 7.36 2.26
C LEU A 302 15.52 8.35 3.09
N SER A 303 16.13 7.85 4.15
CA SER A 303 16.97 8.70 5.01
C SER A 303 18.02 9.46 4.19
N GLN A 304 18.64 8.79 3.21
CA GLN A 304 19.61 9.43 2.30
C GLN A 304 19.02 10.45 1.32
N VAL A 305 17.87 10.11 0.72
CA VAL A 305 17.18 11.05 -0.15
C VAL A 305 16.81 12.32 0.65
N LEU A 306 16.38 12.15 1.89
CA LEU A 306 15.93 13.30 2.68
C LEU A 306 17.11 14.26 3.03
N LEU A 307 18.19 13.70 3.59
CA LEU A 307 19.44 14.44 3.86
C LEU A 307 19.97 15.19 2.64
N GLU A 308 20.03 14.51 1.49
CA GLU A 308 20.45 15.12 0.24
C GLU A 308 19.53 16.27 -0.26
N GLY A 309 18.23 16.14 -0.04
CA GLY A 309 17.30 17.21 -0.35
C GLY A 309 17.43 18.38 0.61
N GLN A 310 17.62 18.06 1.89
CA GLN A 310 17.80 19.05 2.96
C GLN A 310 19.01 19.93 2.67
N LYS A 311 20.16 19.26 2.49
CA LYS A 311 21.44 19.88 2.18
C LYS A 311 21.38 20.78 0.96
N ASP A 312 20.61 20.37 -0.06
CA ASP A 312 20.51 21.12 -1.31
C ASP A 312 19.41 22.19 -1.27
N GLY A 313 18.57 22.17 -0.23
CA GLY A 313 17.49 23.14 -0.10
C GLY A 313 16.13 22.83 -0.71
N PHE A 314 15.83 21.55 -0.95
CA PHE A 314 14.53 21.17 -1.58
C PHE A 314 13.49 20.66 -0.57
N TYR A 315 13.99 20.05 0.49
CA TYR A 315 13.16 19.35 1.46
C TYR A 315 13.56 19.91 2.79
N LEU A 316 12.92 21.02 3.14
CA LEU A 316 13.30 21.75 4.33
C LEU A 316 12.28 21.69 5.44
N TYR A 317 11.00 21.83 5.09
CA TYR A 317 9.92 21.96 6.10
C TYR A 317 8.90 20.84 5.96
N PRO A 318 9.03 19.81 6.79
CA PRO A 318 8.14 18.64 6.71
C PRO A 318 6.72 19.10 7.01
N ASP A 319 5.81 18.87 6.07
CA ASP A 319 4.40 19.27 6.22
C ASP A 319 4.24 20.79 6.45
N GLY A 320 5.26 21.55 6.04
CA GLY A 320 5.23 22.99 6.17
C GLY A 320 5.68 23.52 7.52
N LYS A 321 6.23 22.66 8.38
CA LYS A 321 6.50 23.06 9.76
C LYS A 321 7.98 23.27 10.02
N THR A 322 8.25 24.04 11.08
CA THR A 322 9.58 24.47 11.47
C THR A 322 10.52 23.29 11.55
N HIS A 323 10.19 22.33 12.41
CA HIS A 323 11.20 21.39 12.90
C HIS A 323 11.38 20.14 12.05
N ASN A 324 12.38 20.23 11.19
CA ASN A 324 12.88 19.13 10.37
C ASN A 324 13.66 18.19 11.32
N PRO A 325 13.24 16.90 11.40
CA PRO A 325 13.83 15.97 12.38
C PRO A 325 15.32 15.75 12.24
N GLN B 6 3.34 17.40 -14.88
CA GLN B 6 3.01 15.98 -15.31
C GLN B 6 3.31 14.98 -14.20
N ARG B 7 2.32 14.13 -13.90
CA ARG B 7 2.21 13.35 -12.63
C ARG B 7 3.48 13.31 -11.78
N PTR B 8 4.40 12.39 -12.07
CA PTR B 8 5.66 12.31 -11.33
C PTR B 8 6.81 12.89 -12.16
O PTR B 8 7.10 12.43 -13.27
CB PTR B 8 5.95 10.88 -10.82
CG PTR B 8 4.89 10.32 -9.87
CD1 PTR B 8 4.10 9.23 -10.24
CD2 PTR B 8 4.72 10.84 -8.58
CE1 PTR B 8 3.12 8.70 -9.37
CE2 PTR B 8 3.75 10.32 -7.72
CZ PTR B 8 2.95 9.24 -8.10
OH PTR B 8 2.09 8.81 -7.28
P PTR B 8 1.08 7.55 -7.50
O1P PTR B 8 0.11 7.78 -8.59
O2P PTR B 8 1.91 6.28 -7.85
O3P PTR B 8 0.25 7.33 -6.24
N SER B 9 7.49 13.89 -11.59
CA SER B 9 8.59 14.58 -12.27
C SER B 9 9.94 14.13 -11.77
N SER B 10 10.99 14.57 -12.46
CA SER B 10 12.37 14.19 -12.16
C SER B 10 12.77 14.51 -10.73
N ASP B 11 13.38 13.52 -10.06
CA ASP B 11 14.00 13.68 -8.74
C ASP B 11 14.96 14.88 -8.82
N PRO B 12 14.67 15.96 -8.05
CA PRO B 12 15.39 17.21 -8.26
C PRO B 12 16.78 17.22 -7.63
N THR B 13 17.33 16.04 -7.32
CA THR B 13 18.72 15.93 -6.86
C THR B 13 19.69 16.53 -7.89
CA CA C . -2.78 -7.38 4.60
#